data_5X15
#
_entry.id   5X15
#
_cell.length_a   96.914
_cell.length_b   96.914
_cell.length_c   166.556
_cell.angle_alpha   90.00
_cell.angle_beta   90.00
_cell.angle_gamma   120.00
#
_symmetry.space_group_name_H-M   'P 32 2 1'
#
_entity_poly.entity_id   1
_entity_poly.type   'polypeptide(L)'
_entity_poly.pdbx_seq_one_letter_code
;MSLPRPAGHEADGAAAADAKPVWDLPVHGEPWERPDGELVRSLNRVSSATACAKLHELGIRRSYLSGPTALDLGNKVTGP
ARTLQFMPQREDVASGLAQEYVERSTALWAVLEEVQPGDVLVVQAYGSAFTGCLGDMLVRYFKRKGGAGIVVDGRIRDAP
RVRELGVPIWCTGTTPHYASQSELFPWAYDVPVAAGGVLTLPGDLVVADDDGAVVVPVSKAQEIVDSAFDHEQWEEFSRM
RIDQGARLSDYYPLSPDSREEYEQWRASKR
;
_entity_poly.pdbx_strand_id   A,B,C
#
# COMPACT_ATOMS: atom_id res chain seq x y z
N ARG A 34 25.84 -11.88 20.98
CA ARG A 34 25.47 -12.87 22.00
C ARG A 34 24.92 -14.19 21.45
N PRO A 35 23.95 -14.16 20.54
CA PRO A 35 23.33 -15.42 20.10
C PRO A 35 24.30 -16.29 19.31
N ASP A 36 23.86 -17.52 19.06
CA ASP A 36 24.65 -18.48 18.30
C ASP A 36 24.53 -18.16 16.82
N GLY A 37 25.64 -17.69 16.22
CA GLY A 37 25.63 -17.35 14.81
C GLY A 37 25.27 -18.49 13.89
N GLU A 38 25.47 -19.74 14.35
CA GLU A 38 25.07 -20.90 13.57
C GLU A 38 23.57 -21.13 13.56
N LEU A 39 22.80 -20.31 14.27
CA LEU A 39 21.34 -20.39 14.28
C LEU A 39 20.69 -19.29 13.45
N VAL A 40 21.25 -18.08 13.48
CA VAL A 40 20.79 -17.01 12.58
C VAL A 40 20.86 -17.49 11.14
N ARG A 41 21.87 -18.30 10.81
CA ARG A 41 21.97 -18.88 9.48
C ARG A 41 20.84 -19.88 9.23
N SER A 42 20.72 -20.88 10.11
CA SER A 42 19.77 -21.96 9.87
C SER A 42 18.33 -21.46 9.94
N LEU A 43 18.04 -20.47 10.79
CA LEU A 43 16.71 -19.90 10.83
C LEU A 43 16.38 -19.16 9.54
N ASN A 44 17.39 -18.62 8.85
CA ASN A 44 17.14 -17.90 7.62
C ASN A 44 16.56 -18.80 6.53
N ARG A 45 16.78 -20.11 6.62
CA ARG A 45 16.18 -21.04 5.67
C ARG A 45 14.68 -21.19 5.86
N VAL A 46 14.10 -20.57 6.88
CA VAL A 46 12.69 -20.70 7.20
C VAL A 46 11.95 -19.44 6.73
N SER A 47 10.72 -19.64 6.26
CA SER A 47 9.84 -18.53 5.94
C SER A 47 9.07 -18.11 7.20
N SER A 48 8.67 -16.84 7.22
CA SER A 48 7.86 -16.35 8.33
C SER A 48 6.56 -17.12 8.44
N ALA A 49 5.94 -17.41 7.30
CA ALA A 49 4.67 -18.10 7.28
C ALA A 49 4.74 -19.47 7.92
N THR A 50 5.93 -20.09 7.88
CA THR A 50 6.13 -21.38 8.55
C THR A 50 6.60 -21.19 9.99
N ALA A 51 7.57 -20.30 10.21
CA ALA A 51 8.05 -20.04 11.56
C ALA A 51 6.94 -19.51 12.45
N CYS A 52 5.97 -18.79 11.89
CA CYS A 52 4.82 -18.35 12.66
C CYS A 52 3.83 -19.48 12.90
N ALA A 53 3.57 -20.29 11.87
CA ALA A 53 2.63 -21.38 12.00
C ALA A 53 3.12 -22.45 12.99
N LYS A 54 4.44 -22.58 13.13
CA LYS A 54 5.00 -23.51 14.10
C LYS A 54 5.12 -22.89 15.49
N LEU A 55 5.42 -21.59 15.57
CA LEU A 55 5.32 -20.89 16.84
C LEU A 55 3.92 -21.03 17.44
N HIS A 56 2.91 -21.17 16.59
CA HIS A 56 1.54 -21.42 17.05
C HIS A 56 1.46 -22.71 17.85
N GLU A 57 1.80 -23.83 17.21
CA GLU A 57 1.60 -25.14 17.84
C GLU A 57 2.44 -25.28 19.11
N LEU A 58 3.56 -24.56 19.22
CA LEU A 58 4.26 -24.49 20.49
C LEU A 58 3.36 -23.93 21.58
N GLY A 59 2.45 -23.05 21.22
CA GLY A 59 1.58 -22.40 22.19
C GLY A 59 1.80 -20.90 22.19
N ILE A 60 2.05 -20.32 21.02
CA ILE A 60 2.28 -18.88 20.86
C ILE A 60 1.64 -18.41 19.56
N ARG A 61 0.48 -17.77 19.65
CA ARG A 61 -0.18 -17.24 18.46
C ARG A 61 0.33 -15.87 18.06
N ARG A 62 0.70 -15.03 19.02
CA ARG A 62 1.11 -13.65 18.74
C ARG A 62 2.61 -13.63 18.47
N SER A 63 2.96 -13.82 17.19
CA SER A 63 4.34 -13.69 16.74
C SER A 63 4.49 -12.88 15.47
N TYR A 64 3.39 -12.56 14.78
CA TYR A 64 3.42 -11.75 13.57
C TYR A 64 3.20 -10.29 13.92
N LEU A 65 4.15 -9.44 13.56
CA LEU A 65 4.01 -8.00 13.78
C LEU A 65 2.98 -7.44 12.80
N SER A 66 1.82 -7.05 13.32
CA SER A 66 0.74 -6.49 12.52
C SER A 66 1.01 -5.01 12.30
N GLY A 67 1.37 -4.63 11.07
CA GLY A 67 1.67 -3.26 10.75
C GLY A 67 2.83 -3.11 9.78
N PRO A 68 4.03 -3.50 10.21
CA PRO A 68 5.20 -3.37 9.33
C PRO A 68 5.05 -4.15 8.03
N THR A 69 5.22 -3.45 6.92
CA THR A 69 5.23 -4.06 5.59
C THR A 69 6.58 -3.77 4.93
N ALA A 70 6.90 -4.57 3.91
CA ALA A 70 8.18 -4.46 3.24
C ALA A 70 8.23 -3.20 2.38
N LEU A 71 9.29 -2.41 2.55
CA LEU A 71 9.46 -1.22 1.72
C LEU A 71 9.64 -1.58 0.25
N ASP A 72 10.40 -2.64 -0.03
CA ASP A 72 10.61 -3.11 -1.37
C ASP A 72 10.52 -4.64 -1.38
N LEU A 73 10.10 -5.19 -2.51
CA LEU A 73 9.86 -6.61 -2.61
C LEU A 73 11.18 -7.40 -2.62
N GLY A 74 11.07 -8.68 -2.27
CA GLY A 74 12.18 -9.62 -2.40
C GLY A 74 13.27 -9.48 -1.36
N ASN A 75 12.96 -9.79 -0.10
CA ASN A 75 13.94 -9.75 0.97
C ASN A 75 13.59 -10.80 2.02
N LYS A 76 14.63 -11.27 2.72
CA LYS A 76 14.48 -12.11 3.89
C LYS A 76 15.62 -11.83 4.85
N VAL A 77 15.29 -11.70 6.14
CA VAL A 77 16.26 -11.29 7.15
C VAL A 77 15.92 -11.99 8.47
N THR A 78 16.95 -12.53 9.12
CA THR A 78 16.82 -13.01 10.50
C THR A 78 18.01 -12.50 11.30
N GLY A 79 17.78 -12.28 12.59
CA GLY A 79 18.83 -11.83 13.49
C GLY A 79 18.29 -11.37 14.82
N PRO A 80 19.18 -11.06 15.77
CA PRO A 80 18.72 -10.57 17.07
C PRO A 80 18.11 -9.19 16.96
N ALA A 81 17.17 -8.90 17.87
CA ALA A 81 16.31 -7.73 17.78
C ALA A 81 16.86 -6.61 18.65
N ARG A 82 17.40 -5.57 18.02
CA ARG A 82 17.75 -4.33 18.72
C ARG A 82 16.46 -3.52 18.88
N THR A 83 15.94 -3.47 20.09
CA THR A 83 14.64 -2.87 20.33
C THR A 83 14.74 -1.36 20.47
N LEU A 84 13.80 -0.65 19.85
CA LEU A 84 13.69 0.79 19.97
C LEU A 84 12.27 1.15 20.35
N GLN A 85 12.10 1.96 21.39
CA GLN A 85 10.79 2.32 21.91
C GLN A 85 10.63 3.84 21.88
N PHE A 86 9.65 4.31 21.13
CA PHE A 86 9.24 5.69 21.20
C PHE A 86 8.18 5.87 22.29
N MET A 87 8.06 7.10 22.76
CA MET A 87 7.07 7.46 23.77
C MET A 87 6.45 8.80 23.37
N PRO A 88 5.24 9.09 23.86
CA PRO A 88 4.60 10.36 23.51
C PRO A 88 5.42 11.54 24.01
N GLN A 89 5.47 12.60 23.20
CA GLN A 89 6.31 13.75 23.52
C GLN A 89 5.60 14.65 24.51
N ARG A 90 6.26 14.89 25.65
CA ARG A 90 5.92 16.00 26.53
C ARG A 90 6.81 17.16 26.09
N GLU A 91 6.21 18.09 25.35
CA GLU A 91 6.97 19.16 24.69
C GLU A 91 7.92 19.85 25.65
N ASP A 92 9.23 19.59 25.48
CA ASP A 92 10.28 20.12 26.35
C ASP A 92 10.12 19.65 27.80
N VAL A 93 9.46 18.51 27.99
CA VAL A 93 9.36 17.86 29.29
C VAL A 93 8.79 18.78 30.36
N SER A 105 17.66 13.86 20.40
CA SER A 105 17.20 12.49 20.15
C SER A 105 18.27 11.47 20.50
N THR A 106 19.07 11.77 21.53
CA THR A 106 20.14 10.88 21.95
C THR A 106 19.60 9.64 22.65
N ALA A 107 18.30 9.38 22.50
CA ALA A 107 17.74 8.11 22.93
C ALA A 107 17.94 7.04 21.87
N LEU A 108 17.52 7.32 20.63
CA LEU A 108 17.77 6.38 19.55
C LEU A 108 19.18 6.51 18.99
N TRP A 109 19.85 7.65 19.21
CA TRP A 109 21.26 7.78 18.85
C TRP A 109 22.09 6.69 19.52
N ALA A 110 21.83 6.43 20.80
CA ALA A 110 22.58 5.44 21.57
C ALA A 110 22.28 4.01 21.16
N VAL A 111 21.41 3.78 20.18
CA VAL A 111 21.19 2.43 19.66
C VAL A 111 22.17 2.11 18.54
N LEU A 112 22.33 3.06 17.61
CA LEU A 112 23.06 2.78 16.39
C LEU A 112 24.53 2.47 16.68
N GLU A 113 25.09 3.09 17.71
CA GLU A 113 26.43 2.75 18.17
C GLU A 113 26.44 1.54 19.11
N GLU A 114 25.39 0.73 19.10
CA GLU A 114 25.31 -0.48 19.90
C GLU A 114 24.87 -1.67 19.06
N VAL A 115 25.16 -1.63 17.76
CA VAL A 115 24.77 -2.69 16.84
C VAL A 115 25.97 -3.60 16.67
N GLN A 116 26.00 -4.71 17.41
CA GLN A 116 26.91 -5.79 17.06
C GLN A 116 26.51 -6.27 15.67
N PRO A 117 27.41 -6.23 14.68
CA PRO A 117 26.99 -6.38 13.29
C PRO A 117 26.18 -7.64 13.04
N GLY A 118 25.11 -7.48 12.26
CA GLY A 118 24.16 -8.55 12.01
C GLY A 118 22.84 -8.41 12.73
N ASP A 119 22.64 -7.31 13.46
CA ASP A 119 21.43 -7.13 14.25
C ASP A 119 20.25 -6.73 13.37
N VAL A 120 19.05 -6.91 13.92
CA VAL A 120 17.81 -6.39 13.33
C VAL A 120 17.22 -5.39 14.31
N LEU A 121 16.75 -4.27 13.78
CA LEU A 121 16.21 -3.20 14.61
C LEU A 121 14.69 -3.25 14.60
N VAL A 122 14.08 -3.31 15.78
CA VAL A 122 12.63 -3.35 15.93
C VAL A 122 12.22 -2.09 16.69
N VAL A 123 11.38 -1.27 16.05
CA VAL A 123 11.03 0.06 16.55
C VAL A 123 9.55 0.07 16.94
N GLN A 124 9.26 0.65 18.10
CA GLN A 124 7.88 0.86 18.55
C GLN A 124 7.53 2.34 18.36
N ALA A 125 6.77 2.63 17.32
CA ALA A 125 6.37 4.00 17.00
C ALA A 125 4.87 4.16 16.88
N TYR A 126 4.09 3.15 17.29
CA TYR A 126 2.62 3.24 17.37
C TYR A 126 1.99 3.57 16.02
N GLY A 127 2.66 3.21 14.93
CA GLY A 127 2.12 3.45 13.60
C GLY A 127 1.86 4.92 13.33
N SER A 128 2.67 5.78 13.94
CA SER A 128 2.46 7.21 13.79
C SER A 128 2.73 7.64 12.35
N ALA A 129 1.79 8.37 11.78
CA ALA A 129 1.91 8.91 10.43
C ALA A 129 2.54 10.30 10.43
N PHE A 130 3.24 10.67 11.49
CA PHE A 130 3.85 12.00 11.56
C PHE A 130 5.21 11.98 12.25
N THR A 131 5.84 10.81 12.37
CA THR A 131 7.19 10.68 12.91
C THR A 131 8.01 9.82 11.98
N GLY A 132 9.13 10.37 11.49
CA GLY A 132 10.10 9.57 10.77
C GLY A 132 11.14 9.02 11.71
N CYS A 133 11.10 7.71 11.96
CA CYS A 133 11.98 7.12 12.96
C CYS A 133 13.43 7.16 12.51
N LEU A 134 13.69 6.92 11.23
CA LEU A 134 15.04 6.92 10.69
C LEU A 134 15.05 7.65 9.36
N GLY A 135 16.08 8.47 9.16
CA GLY A 135 16.26 9.22 7.94
C GLY A 135 17.35 8.65 7.06
N ASP A 136 17.63 9.38 5.98
CA ASP A 136 18.66 8.98 5.04
C ASP A 136 20.03 8.84 5.71
N MET A 137 20.26 9.60 6.78
CA MET A 137 21.55 9.57 7.46
C MET A 137 21.68 8.37 8.38
N LEU A 138 20.71 8.16 9.25
CA LEU A 138 20.80 7.12 10.27
C LEU A 138 20.70 5.72 9.69
N VAL A 139 20.25 5.58 8.44
CA VAL A 139 20.22 4.29 7.78
C VAL A 139 21.61 3.94 7.25
N ARG A 140 22.35 4.94 6.76
CA ARG A 140 23.74 4.73 6.38
C ARG A 140 24.54 4.11 7.52
N TYR A 141 24.50 4.76 8.69
CA TYR A 141 25.20 4.26 9.87
C TYR A 141 24.69 2.89 10.32
N PHE A 142 23.58 2.42 9.78
CA PHE A 142 23.10 1.08 10.12
C PHE A 142 23.78 0.02 9.26
N LYS A 143 23.71 0.16 7.93
CA LYS A 143 24.41 -0.78 7.06
C LYS A 143 25.91 -0.67 7.22
N ARG A 144 26.41 0.51 7.57
CA ARG A 144 27.84 0.68 7.81
C ARG A 144 28.26 0.03 9.12
N LYS A 145 27.35 -0.05 10.09
CA LYS A 145 27.62 -0.74 11.35
C LYS A 145 27.39 -2.25 11.27
N GLY A 146 26.85 -2.74 10.17
CA GLY A 146 26.56 -4.16 10.03
C GLY A 146 25.12 -4.51 10.34
N GLY A 147 24.19 -3.68 9.90
CA GLY A 147 22.78 -3.92 10.17
C GLY A 147 22.18 -4.90 9.20
N ALA A 148 21.42 -5.87 9.71
CA ALA A 148 20.79 -6.88 8.88
C ALA A 148 19.42 -6.42 8.37
N GLY A 149 18.63 -5.78 9.21
CA GLY A 149 17.32 -5.31 8.80
C GLY A 149 16.74 -4.34 9.81
N ILE A 150 15.62 -3.74 9.42
CA ILE A 150 14.89 -2.78 10.25
C ILE A 150 13.41 -3.12 10.17
N VAL A 151 12.75 -3.16 11.32
CA VAL A 151 11.30 -3.36 11.39
C VAL A 151 10.71 -2.25 12.25
N VAL A 152 9.75 -1.53 11.69
CA VAL A 152 9.17 -0.36 12.35
C VAL A 152 7.66 -0.50 12.40
N ASP A 153 7.10 -0.35 13.60
CA ASP A 153 5.67 -0.09 13.74
C ASP A 153 5.40 1.41 13.65
N GLY A 154 5.97 2.02 12.63
CA GLY A 154 5.83 3.44 12.39
C GLY A 154 6.19 3.70 10.96
N ARG A 155 6.76 4.87 10.70
CA ARG A 155 7.15 5.26 9.35
C ARG A 155 8.63 5.61 9.32
N ILE A 156 9.11 5.92 8.11
CA ILE A 156 10.52 6.17 7.87
C ILE A 156 10.65 7.39 6.96
N ARG A 157 11.62 8.25 7.27
CA ARG A 157 11.79 9.53 6.59
C ARG A 157 12.76 9.42 5.42
N ASP A 158 12.56 10.29 4.43
CA ASP A 158 13.40 10.38 3.23
C ASP A 158 13.40 9.06 2.47
N ALA A 159 12.24 8.76 1.90
CA ALA A 159 11.98 7.54 1.13
C ALA A 159 12.80 7.44 -0.16
N PRO A 160 12.91 8.49 -0.98
CA PRO A 160 13.65 8.33 -2.25
C PRO A 160 15.10 7.94 -2.07
N ARG A 161 15.80 8.57 -1.12
CA ARG A 161 17.21 8.24 -0.91
C ARG A 161 17.37 6.90 -0.22
N VAL A 162 16.53 6.60 0.77
CA VAL A 162 16.71 5.40 1.58
C VAL A 162 16.34 4.14 0.81
N ARG A 163 15.56 4.25 -0.26
CA ARG A 163 15.25 3.07 -1.07
C ARG A 163 16.49 2.61 -1.84
N GLU A 164 17.28 3.55 -2.33
CA GLU A 164 18.52 3.23 -3.03
C GLU A 164 19.69 2.94 -2.08
N LEU A 165 19.40 2.30 -0.95
CA LEU A 165 20.40 1.81 -0.03
C LEU A 165 20.20 0.31 0.15
N GLY A 166 21.26 -0.37 0.58
CA GLY A 166 21.28 -1.82 0.54
C GLY A 166 20.68 -2.55 1.73
N VAL A 167 19.86 -1.86 2.52
CA VAL A 167 19.26 -2.43 3.72
C VAL A 167 17.77 -2.65 3.46
N PRO A 168 17.22 -3.82 3.80
CA PRO A 168 15.76 -3.99 3.74
C PRO A 168 15.12 -3.53 5.04
N ILE A 169 14.07 -2.73 4.93
CA ILE A 169 13.41 -2.16 6.10
C ILE A 169 11.90 -2.36 5.98
N TRP A 170 11.26 -2.61 7.12
CA TRP A 170 9.82 -2.81 7.19
C TRP A 170 9.20 -1.66 7.98
N CYS A 171 8.22 -1.00 7.37
CA CYS A 171 7.57 0.17 7.98
C CYS A 171 6.09 0.15 7.63
N THR A 172 5.37 1.17 8.09
CA THR A 172 3.97 1.36 7.78
C THR A 172 3.75 2.53 6.82
N GLY A 173 4.81 3.18 6.38
CA GLY A 173 4.67 4.32 5.49
C GLY A 173 5.94 5.15 5.46
N THR A 174 5.82 6.32 4.85
CA THR A 174 6.92 7.25 4.70
C THR A 174 6.43 8.66 5.00
N THR A 175 7.19 9.39 5.81
CA THR A 175 6.85 10.74 6.22
C THR A 175 8.00 11.69 5.91
N PRO A 176 7.70 12.97 5.73
CA PRO A 176 8.75 14.00 5.77
C PRO A 176 9.16 14.38 7.18
N HIS A 177 8.33 14.07 8.18
CA HIS A 177 8.63 14.43 9.56
C HIS A 177 9.79 13.60 10.11
N TYR A 178 10.48 14.16 11.09
CA TYR A 178 11.48 13.42 11.85
C TYR A 178 10.87 12.93 13.16
N ALA A 179 11.72 12.31 13.98
CA ALA A 179 11.23 11.61 15.17
C ALA A 179 10.59 12.57 16.16
N SER A 180 11.37 13.50 16.71
CA SER A 180 10.90 14.44 17.71
C SER A 180 10.16 15.64 17.11
N GLN A 181 9.55 15.48 15.94
CA GLN A 181 8.80 16.57 15.34
C GLN A 181 7.35 16.61 15.79
N SER A 182 6.73 15.46 16.02
CA SER A 182 5.31 15.40 16.35
C SER A 182 5.09 14.84 17.75
N GLU A 183 3.93 14.20 17.96
CA GLU A 183 3.52 13.75 19.29
C GLU A 183 4.48 12.75 19.91
N LEU A 184 5.45 12.24 19.15
CA LEU A 184 6.36 11.21 19.64
C LEU A 184 7.79 11.74 19.70
N PHE A 185 8.58 11.11 20.56
CA PHE A 185 10.02 11.30 20.63
C PHE A 185 10.60 10.06 21.27
N PRO A 186 11.82 9.67 20.91
CA PRO A 186 12.38 8.38 21.35
C PRO A 186 12.51 8.29 22.86
N TRP A 187 12.77 7.08 23.34
CA TRP A 187 12.80 6.82 24.77
C TRP A 187 13.93 5.86 25.16
N ALA A 188 13.69 4.56 25.07
CA ALA A 188 14.64 3.54 25.48
C ALA A 188 15.29 2.89 24.26
N TYR A 189 16.25 1.99 24.52
CA TYR A 189 17.02 1.43 23.42
C TYR A 189 17.33 -0.06 23.52
N ASP A 190 16.94 -0.74 24.60
CA ASP A 190 17.06 -2.19 24.66
C ASP A 190 16.13 -2.78 25.70
N VAL A 191 14.82 -2.58 25.52
CA VAL A 191 13.82 -3.00 26.48
C VAL A 191 12.69 -3.73 25.75
N PRO A 192 11.78 -4.40 26.47
CA PRO A 192 10.60 -4.97 25.81
C PRO A 192 9.87 -3.95 24.95
N VAL A 193 9.18 -4.45 23.93
CA VAL A 193 8.61 -3.61 22.88
C VAL A 193 7.28 -4.20 22.45
N ALA A 194 6.30 -3.33 22.19
CA ALA A 194 4.97 -3.71 21.74
C ALA A 194 4.74 -3.34 20.28
N ALA A 195 5.76 -3.50 19.45
CA ALA A 195 5.59 -3.29 18.01
C ALA A 195 4.72 -4.40 17.43
N GLY A 196 3.70 -4.02 16.67
CA GLY A 196 2.71 -5.01 16.35
C GLY A 196 1.97 -5.39 17.63
N GLY A 197 1.32 -6.55 17.58
CA GLY A 197 0.70 -7.08 18.77
C GLY A 197 1.60 -8.11 19.44
N VAL A 198 2.90 -7.96 19.27
CA VAL A 198 3.87 -8.98 19.66
C VAL A 198 4.77 -8.44 20.77
N LEU A 199 5.26 -9.35 21.61
CA LEU A 199 6.19 -9.03 22.68
C LEU A 199 7.59 -9.34 22.15
N THR A 200 8.33 -8.29 21.80
CA THR A 200 9.68 -8.42 21.23
C THR A 200 10.69 -7.99 22.29
N LEU A 201 11.35 -8.96 22.92
CA LEU A 201 12.38 -8.76 23.92
C LEU A 201 13.76 -8.71 23.25
N PRO A 202 14.69 -7.96 23.84
CA PRO A 202 16.04 -7.85 23.25
C PRO A 202 16.72 -9.21 23.21
N GLY A 203 17.15 -9.59 22.01
CA GLY A 203 17.83 -10.87 21.82
C GLY A 203 17.11 -11.79 20.86
N ASP A 204 15.78 -11.80 20.92
CA ASP A 204 14.97 -12.71 20.12
C ASP A 204 15.21 -12.49 18.63
N LEU A 205 14.89 -13.51 17.84
CA LEU A 205 15.13 -13.51 16.40
C LEU A 205 13.91 -13.00 15.65
N VAL A 206 14.15 -12.25 14.58
CA VAL A 206 13.10 -11.66 13.76
C VAL A 206 13.27 -12.21 12.35
N VAL A 207 12.43 -13.17 11.98
CA VAL A 207 12.51 -13.80 10.65
C VAL A 207 11.66 -12.94 9.71
N ALA A 208 12.29 -11.92 9.13
CA ALA A 208 11.59 -11.02 8.23
C ALA A 208 11.44 -11.66 6.86
N ASP A 209 10.35 -11.29 6.17
CA ASP A 209 9.98 -11.91 4.91
C ASP A 209 9.07 -10.93 4.17
N ASP A 210 8.50 -11.38 3.04
CA ASP A 210 7.49 -10.58 2.35
C ASP A 210 6.09 -10.81 2.92
N ASP A 211 5.88 -11.91 3.65
CA ASP A 211 4.64 -12.08 4.39
C ASP A 211 4.55 -11.13 5.57
N GLY A 212 5.67 -10.59 6.03
CA GLY A 212 5.75 -9.75 7.20
C GLY A 212 6.85 -10.23 8.12
N ALA A 213 6.88 -9.68 9.32
CA ALA A 213 7.86 -10.04 10.33
C ALA A 213 7.27 -11.00 11.34
N VAL A 214 8.09 -11.95 11.79
CA VAL A 214 7.70 -12.92 12.80
C VAL A 214 8.80 -12.99 13.85
N VAL A 215 8.44 -12.74 15.10
CA VAL A 215 9.40 -12.74 16.20
C VAL A 215 9.50 -14.16 16.75
N VAL A 216 10.69 -14.74 16.64
CA VAL A 216 10.99 -16.06 17.19
C VAL A 216 11.83 -15.86 18.44
N PRO A 217 11.35 -16.22 19.63
CA PRO A 217 12.14 -16.03 20.85
C PRO A 217 13.29 -17.01 20.94
N VAL A 218 14.39 -16.55 21.54
CA VAL A 218 15.65 -17.29 21.61
C VAL A 218 15.46 -18.65 22.25
N SER A 219 14.39 -18.80 23.03
CA SER A 219 14.11 -20.09 23.64
C SER A 219 13.63 -21.10 22.60
N LYS A 220 12.60 -20.75 21.83
CA LYS A 220 11.95 -21.66 20.92
C LYS A 220 12.57 -21.64 19.53
N ALA A 221 13.81 -21.18 19.40
CA ALA A 221 14.45 -21.07 18.09
C ALA A 221 14.74 -22.44 17.50
N GLN A 222 15.68 -23.18 18.10
CA GLN A 222 16.05 -24.50 17.60
C GLN A 222 14.84 -25.43 17.53
N GLU A 223 13.90 -25.27 18.45
CA GLU A 223 12.67 -26.08 18.42
C GLU A 223 11.93 -25.92 17.11
N ILE A 224 12.13 -24.80 16.42
CA ILE A 224 11.44 -24.52 15.17
C ILE A 224 12.33 -24.79 13.96
N VAL A 225 13.60 -24.41 14.05
CA VAL A 225 14.55 -24.66 12.97
C VAL A 225 14.48 -26.13 12.54
N ASP A 226 14.35 -27.02 13.52
CA ASP A 226 14.24 -28.45 13.21
C ASP A 226 12.80 -28.84 12.87
N SER A 227 11.82 -28.13 13.43
CA SER A 227 10.42 -28.46 13.15
C SER A 227 9.96 -27.95 11.79
N ALA A 228 10.58 -26.89 11.28
CA ALA A 228 10.21 -26.34 9.99
C ALA A 228 10.90 -27.05 8.83
N PHE A 229 12.13 -27.53 9.04
CA PHE A 229 12.80 -28.31 8.01
C PHE A 229 12.02 -29.56 7.66
N ASP A 230 11.58 -30.31 8.67
CA ASP A 230 10.73 -31.46 8.46
C ASP A 230 9.35 -31.10 7.95
N HIS A 231 9.04 -29.81 7.83
CA HIS A 231 7.76 -29.35 7.28
C HIS A 231 7.90 -28.90 5.83
N GLU A 232 8.76 -27.90 5.57
CA GLU A 232 8.89 -27.36 4.23
C GLU A 232 9.47 -28.36 3.23
N GLN A 233 10.02 -29.48 3.71
CA GLN A 233 10.43 -30.57 2.83
C GLN A 233 9.27 -31.52 2.54
N TRP A 234 8.55 -31.94 3.58
CA TRP A 234 7.28 -32.64 3.39
C TRP A 234 6.39 -31.86 2.43
N GLU A 235 6.33 -30.54 2.60
CA GLU A 235 5.61 -29.69 1.67
C GLU A 235 6.28 -29.70 0.29
N GLU A 236 7.62 -29.67 0.25
CA GLU A 236 8.32 -29.62 -1.02
C GLU A 236 8.08 -30.89 -1.84
N PHE A 237 7.90 -32.03 -1.17
CA PHE A 237 7.50 -33.24 -1.86
C PHE A 237 6.18 -33.03 -2.59
N SER A 238 5.13 -32.66 -1.86
CA SER A 238 3.81 -32.47 -2.45
C SER A 238 3.81 -31.39 -3.52
N ARG A 239 4.82 -30.51 -3.55
CA ARG A 239 4.91 -29.54 -4.63
C ARG A 239 5.28 -30.21 -5.94
N MET A 240 6.13 -31.24 -5.91
CA MET A 240 6.59 -31.87 -7.13
C MET A 240 5.61 -32.92 -7.66
N ARG A 241 4.70 -33.42 -6.82
CA ARG A 241 3.66 -34.34 -7.25
C ARG A 241 2.51 -33.64 -7.97
N ILE A 242 2.73 -32.44 -8.49
CA ILE A 242 1.66 -31.66 -9.09
C ILE A 242 2.24 -30.61 -10.03
N GLU B 33 -1.31 32.99 -11.62
CA GLU B 33 -0.41 33.90 -10.92
C GLU B 33 0.85 33.19 -10.46
N ARG B 34 1.37 32.31 -11.32
CA ARG B 34 2.58 31.56 -11.00
C ARG B 34 3.72 32.52 -10.69
N PRO B 35 4.53 32.24 -9.67
CA PRO B 35 5.55 33.21 -9.26
C PRO B 35 6.91 33.03 -9.94
N ASP B 36 7.96 33.45 -9.24
CA ASP B 36 9.34 33.34 -9.70
C ASP B 36 9.65 31.94 -10.19
N GLY B 37 9.82 31.78 -11.50
CA GLY B 37 10.22 30.48 -12.04
C GLY B 37 11.50 29.94 -11.45
N GLU B 38 12.36 30.84 -10.94
CA GLU B 38 13.56 30.39 -10.26
C GLU B 38 13.27 29.85 -8.87
N LEU B 39 12.08 30.11 -8.33
CA LEU B 39 11.68 29.46 -7.08
C LEU B 39 11.47 27.97 -7.30
N VAL B 40 10.79 27.60 -8.39
CA VAL B 40 10.58 26.19 -8.72
C VAL B 40 11.93 25.50 -8.93
N ARG B 41 12.74 26.05 -9.83
CA ARG B 41 14.03 25.46 -10.16
C ARG B 41 14.96 25.37 -8.94
N SER B 42 14.71 26.17 -7.91
CA SER B 42 15.48 26.11 -6.68
C SER B 42 14.81 25.29 -5.58
N LEU B 43 13.47 25.36 -5.48
CA LEU B 43 12.78 24.58 -4.47
C LEU B 43 12.67 23.11 -4.86
N ASN B 44 12.51 22.83 -6.16
CA ASN B 44 12.51 21.44 -6.62
C ASN B 44 13.80 20.72 -6.25
N ARG B 45 14.85 21.47 -5.91
CA ARG B 45 16.10 20.93 -5.38
C ARG B 45 16.06 20.78 -3.86
N VAL B 46 14.88 20.75 -3.26
CA VAL B 46 14.71 20.53 -1.84
C VAL B 46 13.77 19.37 -1.63
N SER B 47 14.20 18.39 -0.84
CA SER B 47 13.33 17.28 -0.49
C SER B 47 12.17 17.77 0.38
N SER B 48 11.09 17.00 0.39
CA SER B 48 9.97 17.31 1.28
C SER B 48 10.31 16.97 2.72
N ALA B 49 11.19 15.99 2.94
CA ALA B 49 11.59 15.67 4.30
C ALA B 49 12.36 16.82 4.94
N THR B 50 12.98 17.67 4.12
CA THR B 50 13.68 18.84 4.61
C THR B 50 12.75 20.05 4.69
N ALA B 51 11.85 20.20 3.72
CA ALA B 51 10.94 21.33 3.71
C ALA B 51 10.07 21.38 4.96
N CYS B 52 9.69 20.21 5.48
CA CYS B 52 8.96 20.16 6.74
C CYS B 52 9.82 20.69 7.89
N ALA B 53 11.04 20.14 8.03
CA ALA B 53 11.91 20.55 9.13
C ALA B 53 12.21 22.03 9.09
N LYS B 54 12.27 22.63 7.90
CA LYS B 54 12.50 24.06 7.78
C LYS B 54 11.22 24.88 7.69
N LEU B 55 10.06 24.22 7.55
CA LEU B 55 8.79 24.88 7.85
C LEU B 55 8.39 24.70 9.31
N HIS B 56 8.73 23.55 9.91
CA HIS B 56 8.57 23.39 11.35
C HIS B 56 9.48 24.35 12.10
N GLU B 57 10.66 24.65 11.55
CA GLU B 57 11.51 25.69 12.12
C GLU B 57 10.80 27.03 12.14
N LEU B 58 10.14 27.38 11.03
CA LEU B 58 9.39 28.63 10.91
C LEU B 58 8.10 28.63 11.70
N GLY B 59 7.81 27.59 12.49
CA GLY B 59 6.57 27.51 13.22
C GLY B 59 5.44 26.83 12.49
N ILE B 60 5.51 26.76 11.16
CA ILE B 60 4.50 26.07 10.36
C ILE B 60 4.62 24.58 10.65
N ARG B 61 3.70 24.05 11.47
CA ARG B 61 3.86 22.72 12.03
C ARG B 61 3.20 21.63 11.20
N ARG B 62 1.98 21.88 10.70
CA ARG B 62 1.28 20.91 9.87
C ARG B 62 1.42 21.34 8.42
N SER B 63 2.35 20.70 7.71
CA SER B 63 2.55 20.94 6.29
C SER B 63 2.55 19.67 5.46
N TYR B 64 2.49 18.50 6.08
CA TYR B 64 2.51 17.23 5.37
C TYR B 64 1.08 16.75 5.14
N LEU B 65 0.71 16.62 3.87
CA LEU B 65 -0.61 16.12 3.49
C LEU B 65 -0.69 14.63 3.81
N SER B 66 -1.31 14.30 4.95
CA SER B 66 -1.42 12.92 5.40
C SER B 66 -2.45 12.20 4.54
N GLY B 67 -1.99 11.39 3.60
CA GLY B 67 -2.88 10.67 2.71
C GLY B 67 -2.27 10.35 1.37
N PRO B 68 -1.99 11.38 0.57
CA PRO B 68 -1.51 11.16 -0.80
C PRO B 68 -0.21 10.36 -0.82
N THR B 69 -0.27 9.20 -1.47
CA THR B 69 0.89 8.34 -1.70
C THR B 69 1.18 8.28 -3.19
N ALA B 70 2.47 8.22 -3.53
CA ALA B 70 2.87 8.19 -4.93
C ALA B 70 2.34 6.95 -5.63
N LEU B 71 1.75 7.15 -6.81
CA LEU B 71 1.28 6.01 -7.61
C LEU B 71 2.45 5.13 -8.02
N ASP B 72 3.49 5.73 -8.61
CA ASP B 72 4.72 5.04 -8.93
C ASP B 72 5.90 5.83 -8.38
N LEU B 73 6.95 5.10 -8.00
CA LEU B 73 8.09 5.72 -7.34
C LEU B 73 8.92 6.55 -8.32
N GLY B 74 9.88 7.28 -7.78
CA GLY B 74 10.83 8.02 -8.57
C GLY B 74 10.38 9.37 -9.06
N ASN B 75 9.18 9.82 -8.71
CA ASN B 75 8.66 11.09 -9.18
C ASN B 75 9.10 12.24 -8.27
N LYS B 76 8.95 13.46 -8.79
CA LYS B 76 9.25 14.68 -8.04
C LYS B 76 8.55 15.84 -8.74
N VAL B 77 7.86 16.66 -7.96
CA VAL B 77 7.01 17.73 -8.49
C VAL B 77 7.22 19.00 -7.66
N THR B 78 7.23 20.14 -8.34
CA THR B 78 7.20 21.44 -7.67
C THR B 78 6.46 22.44 -8.55
N GLY B 79 5.50 23.14 -7.96
CA GLY B 79 4.73 24.12 -8.69
C GLY B 79 3.61 24.71 -7.84
N PRO B 80 2.81 25.58 -8.44
CA PRO B 80 1.71 26.21 -7.70
C PRO B 80 0.49 25.33 -7.65
N ALA B 81 -0.38 25.63 -6.70
CA ALA B 81 -1.59 24.85 -6.49
C ALA B 81 -2.71 25.32 -7.41
N ARG B 82 -3.43 24.37 -7.97
CA ARG B 82 -4.69 24.61 -8.66
C ARG B 82 -5.78 23.85 -7.91
N THR B 83 -6.08 24.34 -6.70
CA THR B 83 -6.83 23.57 -5.71
C THR B 83 -8.22 23.20 -6.22
N LEU B 84 -8.52 21.91 -6.21
CA LEU B 84 -9.85 21.39 -6.52
C LEU B 84 -10.48 20.86 -5.24
N GLN B 85 -11.72 21.29 -4.98
CA GLN B 85 -12.42 20.91 -3.76
C GLN B 85 -13.69 20.16 -4.12
N PHE B 86 -13.96 19.08 -3.39
CA PHE B 86 -15.22 18.35 -3.48
C PHE B 86 -16.04 18.61 -2.23
N MET B 87 -17.35 18.35 -2.34
CA MET B 87 -18.27 18.44 -1.22
C MET B 87 -19.37 17.40 -1.41
N PRO B 88 -19.98 16.93 -0.32
CA PRO B 88 -20.95 15.81 -0.43
C PRO B 88 -22.09 16.12 -1.39
N GLN B 89 -22.71 15.03 -1.87
CA GLN B 89 -23.74 15.10 -2.89
C GLN B 89 -25.10 15.42 -2.27
N ARG B 90 -26.05 15.77 -3.13
CA ARG B 90 -27.41 16.09 -2.72
C ARG B 90 -28.34 15.97 -3.92
N GLU B 91 -27.76 15.98 -5.12
CA GLU B 91 -28.50 16.08 -6.38
C GLU B 91 -29.34 17.34 -6.43
N ASP B 92 -28.87 18.39 -5.74
CA ASP B 92 -29.51 19.70 -5.73
C ASP B 92 -30.96 19.63 -5.26
N THR B 106 -21.07 21.18 -14.61
CA THR B 106 -19.98 20.52 -13.90
C THR B 106 -18.81 21.45 -13.68
N ALA B 107 -18.15 21.32 -12.53
CA ALA B 107 -17.05 22.18 -12.15
C ALA B 107 -15.70 21.47 -12.22
N LEU B 108 -15.68 20.20 -12.63
CA LEU B 108 -14.41 19.48 -12.69
C LEU B 108 -13.57 19.91 -13.87
N TRP B 109 -14.21 20.16 -15.03
CA TRP B 109 -13.47 20.63 -16.19
C TRP B 109 -12.96 22.06 -16.01
N ALA B 110 -13.65 22.86 -15.19
CA ALA B 110 -13.29 24.27 -15.05
C ALA B 110 -11.85 24.43 -14.60
N VAL B 111 -11.34 23.50 -13.79
CA VAL B 111 -9.93 23.54 -13.41
C VAL B 111 -9.05 23.32 -14.63
N LEU B 112 -9.38 22.30 -15.43
CA LEU B 112 -8.51 21.89 -16.53
C LEU B 112 -8.41 22.96 -17.59
N GLU B 113 -9.54 23.58 -17.95
CA GLU B 113 -9.51 24.70 -18.90
C GLU B 113 -8.75 25.90 -18.35
N GLU B 114 -8.40 25.89 -17.07
CA GLU B 114 -7.60 26.94 -16.47
C GLU B 114 -6.25 26.44 -15.97
N VAL B 115 -5.91 25.18 -16.23
CA VAL B 115 -4.58 24.68 -15.85
C VAL B 115 -3.52 25.39 -16.68
N GLN B 116 -2.42 25.75 -16.00
CA GLN B 116 -1.29 26.43 -16.61
C GLN B 116 -0.04 25.56 -16.46
N PRO B 117 0.88 25.60 -17.44
CA PRO B 117 2.11 24.80 -17.32
C PRO B 117 2.83 25.03 -15.99
N GLY B 118 3.21 23.93 -15.35
CA GLY B 118 3.83 23.97 -14.04
C GLY B 118 2.88 23.77 -12.88
N ASP B 119 1.57 23.81 -13.11
CA ASP B 119 0.60 23.71 -12.03
C ASP B 119 0.69 22.36 -11.33
N VAL B 120 0.33 22.36 -10.05
CA VAL B 120 0.11 21.15 -9.27
C VAL B 120 -1.35 21.14 -8.85
N LEU B 121 -1.99 19.97 -8.97
CA LEU B 121 -3.42 19.83 -8.75
C LEU B 121 -3.63 19.27 -7.34
N VAL B 122 -3.93 20.17 -6.40
CA VAL B 122 -4.15 19.79 -5.01
C VAL B 122 -5.64 19.55 -4.84
N VAL B 123 -6.03 18.28 -4.79
CA VAL B 123 -7.43 17.86 -4.76
C VAL B 123 -7.81 17.48 -3.34
N GLN B 124 -9.01 17.90 -2.92
CA GLN B 124 -9.56 17.60 -1.59
C GLN B 124 -10.78 16.71 -1.82
N ALA B 125 -10.55 15.40 -1.85
CA ALA B 125 -11.60 14.42 -2.10
C ALA B 125 -12.00 13.64 -0.86
N TYR B 126 -11.50 14.04 0.32
CA TYR B 126 -11.83 13.46 1.61
C TYR B 126 -11.43 11.99 1.73
N GLY B 127 -10.66 11.47 0.78
CA GLY B 127 -10.29 10.07 0.81
C GLY B 127 -11.39 9.12 0.39
N SER B 128 -12.36 9.59 -0.37
CA SER B 128 -13.55 8.81 -0.72
C SER B 128 -13.15 7.68 -1.67
N ALA B 129 -13.24 6.44 -1.20
CA ALA B 129 -12.90 5.28 -2.01
C ALA B 129 -14.08 4.88 -2.89
N PHE B 130 -14.98 5.84 -3.15
CA PHE B 130 -16.13 5.62 -4.02
C PHE B 130 -16.27 6.73 -5.06
N THR B 131 -15.23 7.52 -5.28
CA THR B 131 -15.28 8.63 -6.22
C THR B 131 -13.98 8.68 -7.00
N GLY B 132 -14.05 8.40 -8.30
CA GLY B 132 -12.89 8.55 -9.16
C GLY B 132 -12.72 9.99 -9.60
N CYS B 133 -11.73 10.67 -9.03
CA CYS B 133 -11.58 12.11 -9.28
C CYS B 133 -11.20 12.38 -10.73
N LEU B 134 -10.26 11.61 -11.28
CA LEU B 134 -9.80 11.80 -12.64
C LEU B 134 -9.70 10.45 -13.33
N GLY B 135 -9.69 10.50 -14.67
CA GLY B 135 -9.59 9.29 -15.47
C GLY B 135 -8.61 9.43 -16.61
N ASP B 136 -8.79 8.59 -17.64
CA ASP B 136 -7.88 8.64 -18.80
C ASP B 136 -7.97 9.98 -19.51
N MET B 137 -9.18 10.54 -19.63
CA MET B 137 -9.36 11.80 -20.34
C MET B 137 -8.73 12.97 -19.58
N LEU B 138 -9.23 13.25 -18.38
CA LEU B 138 -8.84 14.46 -17.67
C LEU B 138 -7.35 14.50 -17.37
N VAL B 139 -6.72 13.34 -17.19
CA VAL B 139 -5.28 13.30 -16.97
C VAL B 139 -4.54 13.75 -18.23
N ARG B 140 -5.09 13.44 -19.41
CA ARG B 140 -4.50 13.96 -20.65
C ARG B 140 -4.63 15.47 -20.74
N TYR B 141 -5.88 15.97 -20.65
CA TYR B 141 -6.14 17.40 -20.67
C TYR B 141 -5.24 18.12 -19.67
N PHE B 142 -4.98 17.49 -18.53
CA PHE B 142 -4.08 18.08 -17.53
C PHE B 142 -2.64 18.08 -18.03
N LYS B 143 -2.22 17.01 -18.73
CA LYS B 143 -0.86 16.95 -19.26
C LYS B 143 -0.75 17.52 -20.68
N ARG B 144 -1.87 17.61 -21.40
CA ARG B 144 -1.85 18.35 -22.66
C ARG B 144 -1.47 19.81 -22.44
N LYS B 145 -1.76 20.33 -21.25
CA LYS B 145 -1.34 21.67 -20.85
C LYS B 145 0.02 21.69 -20.18
N GLY B 146 0.59 20.53 -19.85
CA GLY B 146 1.85 20.49 -19.14
C GLY B 146 1.71 20.61 -17.63
N GLY B 147 0.74 19.91 -17.04
CA GLY B 147 0.57 19.94 -15.61
C GLY B 147 1.66 19.13 -14.92
N ALA B 148 2.41 19.76 -14.00
CA ALA B 148 3.59 19.13 -13.43
C ALA B 148 3.25 17.95 -12.53
N GLY B 149 2.05 17.89 -11.96
CA GLY B 149 1.71 16.79 -11.09
C GLY B 149 0.37 16.94 -10.40
N ILE B 150 -0.15 15.85 -9.82
CA ILE B 150 -1.45 15.82 -9.19
C ILE B 150 -1.31 15.24 -7.79
N VAL B 151 -1.88 15.92 -6.80
CA VAL B 151 -1.91 15.45 -5.42
C VAL B 151 -3.36 15.39 -4.98
N VAL B 152 -3.84 14.18 -4.69
CA VAL B 152 -5.24 13.93 -4.41
C VAL B 152 -5.38 13.37 -3.00
N ASP B 153 -6.31 13.93 -2.23
CA ASP B 153 -6.82 13.24 -1.04
C ASP B 153 -8.01 12.37 -1.42
N GLY B 154 -7.81 11.56 -2.45
CA GLY B 154 -8.85 10.67 -2.90
C GLY B 154 -8.25 9.58 -3.75
N ARG B 155 -9.05 9.10 -4.70
CA ARG B 155 -8.61 7.97 -5.51
C ARG B 155 -8.55 8.32 -6.99
N ILE B 156 -8.47 7.31 -7.83
CA ILE B 156 -8.22 7.48 -9.25
C ILE B 156 -9.11 6.52 -10.02
N ARG B 157 -9.68 7.00 -11.13
CA ARG B 157 -10.39 6.16 -12.08
C ARG B 157 -9.44 5.79 -13.22
N ASP B 158 -9.55 4.54 -13.68
CA ASP B 158 -8.74 4.02 -14.78
C ASP B 158 -7.25 4.04 -14.44
N ALA B 159 -6.89 3.30 -13.40
CA ALA B 159 -5.48 3.12 -13.06
C ALA B 159 -4.67 2.48 -14.18
N PRO B 160 -5.11 1.39 -14.83
CA PRO B 160 -4.25 0.75 -15.83
C PRO B 160 -3.76 1.66 -16.94
N ARG B 161 -4.48 2.74 -17.23
CA ARG B 161 -4.11 3.66 -18.30
C ARG B 161 -3.34 4.87 -17.80
N VAL B 162 -3.71 5.44 -16.66
CA VAL B 162 -3.14 6.70 -16.20
C VAL B 162 -1.77 6.48 -15.56
N ARG B 163 -1.24 5.26 -15.68
CA ARG B 163 0.13 4.99 -15.26
C ARG B 163 1.12 5.07 -16.41
N GLU B 164 0.72 4.62 -17.60
CA GLU B 164 1.57 4.76 -18.77
C GLU B 164 1.68 6.22 -19.19
N LEU B 165 0.60 6.99 -19.01
CA LEU B 165 0.66 8.44 -19.12
C LEU B 165 1.69 8.96 -18.12
N GLY B 166 2.86 9.34 -18.60
CA GLY B 166 3.96 9.71 -17.72
C GLY B 166 3.75 10.99 -16.95
N VAL B 167 2.70 11.05 -16.15
CA VAL B 167 2.42 12.18 -15.29
C VAL B 167 2.45 11.70 -13.84
N PRO B 168 3.20 12.35 -12.95
CA PRO B 168 3.26 11.90 -11.56
C PRO B 168 1.97 12.22 -10.81
N ILE B 169 1.44 11.23 -10.11
CA ILE B 169 0.18 11.34 -9.40
C ILE B 169 0.42 11.04 -7.91
N TRP B 170 -0.49 11.56 -7.08
CA TRP B 170 -0.47 11.34 -5.63
C TRP B 170 -1.90 11.19 -5.17
N CYS B 171 -2.31 9.98 -4.80
CA CYS B 171 -3.68 9.70 -4.39
C CYS B 171 -3.68 8.77 -3.19
N THR B 172 -4.88 8.45 -2.70
CA THR B 172 -5.06 7.52 -1.60
C THR B 172 -5.38 6.11 -2.06
N GLY B 173 -5.61 5.91 -3.36
CA GLY B 173 -5.97 4.63 -3.92
C GLY B 173 -6.38 4.73 -5.37
N THR B 174 -7.31 3.88 -5.79
CA THR B 174 -7.85 3.92 -7.15
C THR B 174 -9.16 3.16 -7.15
N THR B 175 -10.10 3.63 -7.98
CA THR B 175 -11.46 3.12 -7.97
C THR B 175 -12.00 3.00 -9.38
N PRO B 176 -12.79 1.97 -9.65
CA PRO B 176 -13.60 1.92 -10.87
C PRO B 176 -14.77 2.89 -10.86
N HIS B 177 -14.90 3.73 -9.85
CA HIS B 177 -15.93 4.74 -9.82
C HIS B 177 -15.44 6.01 -10.50
N TYR B 178 -16.38 6.90 -10.79
CA TYR B 178 -16.07 8.23 -11.28
C TYR B 178 -16.60 9.26 -10.29
N ALA B 179 -16.01 10.46 -10.34
CA ALA B 179 -16.44 11.53 -9.45
C ALA B 179 -17.93 11.82 -9.64
N SER B 180 -18.59 12.20 -8.54
CA SER B 180 -20.02 12.51 -8.53
C SER B 180 -20.88 11.29 -8.86
N GLN B 181 -20.44 10.11 -8.44
CA GLN B 181 -21.23 8.89 -8.60
C GLN B 181 -21.86 8.42 -7.29
N SER B 182 -21.10 8.41 -6.20
CA SER B 182 -21.54 7.79 -4.96
C SER B 182 -21.88 8.80 -3.87
N GLU B 183 -20.98 9.72 -3.54
CA GLU B 183 -21.19 10.46 -2.30
C GLU B 183 -20.72 11.91 -2.31
N LEU B 184 -20.12 12.43 -3.38
CA LEU B 184 -19.75 13.85 -3.36
C LEU B 184 -19.62 14.39 -4.78
N PHE B 185 -20.19 15.58 -5.00
CA PHE B 185 -20.03 16.33 -6.24
C PHE B 185 -18.67 17.00 -6.26
N PRO B 186 -18.24 17.50 -7.42
CA PRO B 186 -17.16 18.49 -7.46
C PRO B 186 -17.66 19.83 -6.93
N TRP B 187 -16.73 20.75 -6.77
CA TRP B 187 -17.08 22.05 -6.19
C TRP B 187 -16.05 23.08 -6.67
N ALA B 188 -15.75 24.06 -5.80
CA ALA B 188 -14.94 25.20 -6.20
C ALA B 188 -13.55 24.75 -6.67
N TYR B 189 -12.95 25.56 -7.54
CA TYR B 189 -11.80 25.12 -8.31
C TYR B 189 -10.58 26.01 -8.16
N ASP B 190 -10.63 27.04 -7.32
CA ASP B 190 -9.46 27.84 -7.02
C ASP B 190 -9.61 28.56 -5.68
N VAL B 191 -9.91 27.79 -4.63
CA VAL B 191 -10.24 28.32 -3.31
C VAL B 191 -9.36 27.61 -2.27
N PRO B 192 -9.35 28.03 -1.00
CA PRO B 192 -8.59 27.27 -0.02
C PRO B 192 -9.11 25.83 0.14
N VAL B 193 -8.21 24.93 0.48
CA VAL B 193 -8.47 23.49 0.43
C VAL B 193 -7.80 22.80 1.61
N ALA B 194 -8.57 21.98 2.32
CA ALA B 194 -8.09 21.24 3.49
C ALA B 194 -7.72 19.84 3.01
N ALA B 195 -6.53 19.74 2.42
CA ALA B 195 -6.24 18.61 1.55
C ALA B 195 -5.92 17.34 2.34
N GLY B 196 -5.04 17.41 3.32
CA GLY B 196 -4.82 16.25 4.18
C GLY B 196 -5.17 16.52 5.62
N GLY B 197 -4.45 17.48 6.20
CA GLY B 197 -4.76 18.10 7.47
C GLY B 197 -4.08 19.45 7.45
N VAL B 198 -4.03 20.05 6.25
CA VAL B 198 -3.26 21.25 6.00
C VAL B 198 -4.04 22.18 5.07
N LEU B 199 -3.82 23.48 5.25
CA LEU B 199 -4.49 24.50 4.46
C LEU B 199 -3.69 24.78 3.19
N THR B 200 -4.23 24.35 2.04
CA THR B 200 -3.63 24.66 0.75
C THR B 200 -4.33 25.91 0.20
N LEU B 201 -3.62 27.03 0.26
CA LEU B 201 -4.14 28.27 -0.31
C LEU B 201 -3.71 28.38 -1.77
N PRO B 202 -4.61 28.73 -2.68
CA PRO B 202 -4.24 28.78 -4.11
C PRO B 202 -3.09 29.74 -4.36
N GLY B 203 -1.97 29.19 -4.82
CA GLY B 203 -0.76 29.97 -5.01
C GLY B 203 0.44 29.30 -4.38
N ASP B 204 0.22 28.61 -3.26
CA ASP B 204 1.30 27.95 -2.54
C ASP B 204 2.02 26.95 -3.44
N LEU B 205 3.23 26.59 -3.03
CA LEU B 205 4.07 25.65 -3.75
C LEU B 205 4.00 24.27 -3.10
N VAL B 206 4.07 23.23 -3.94
CA VAL B 206 3.97 21.85 -3.49
C VAL B 206 5.26 21.14 -3.82
N VAL B 207 5.82 20.46 -2.82
CA VAL B 207 7.00 19.60 -3.01
C VAL B 207 6.57 18.18 -2.73
N ALA B 208 6.54 17.36 -3.78
CA ALA B 208 6.01 16.00 -3.71
C ALA B 208 7.07 15.00 -4.16
N ASP B 209 7.73 14.37 -3.20
CA ASP B 209 8.57 13.21 -3.43
C ASP B 209 8.07 12.07 -2.56
N ASP B 210 8.67 10.88 -2.74
CA ASP B 210 8.10 9.63 -2.22
C ASP B 210 7.64 9.72 -0.77
N ASP B 211 8.14 10.68 0.01
CA ASP B 211 7.64 10.90 1.36
C ASP B 211 6.19 11.37 1.37
N GLY B 212 5.71 11.90 0.26
CA GLY B 212 4.45 12.61 0.21
C GLY B 212 4.66 14.06 -0.19
N ALA B 213 3.54 14.78 -0.23
CA ALA B 213 3.56 16.18 -0.65
C ALA B 213 3.61 17.10 0.58
N VAL B 214 4.21 18.27 0.37
CA VAL B 214 4.26 19.33 1.37
C VAL B 214 3.83 20.63 0.69
N VAL B 215 3.13 21.47 1.44
CA VAL B 215 2.63 22.75 0.93
C VAL B 215 3.59 23.84 1.40
N VAL B 216 4.26 24.47 0.44
CA VAL B 216 5.16 25.59 0.72
C VAL B 216 4.45 26.88 0.28
N PRO B 217 4.08 27.77 1.20
CA PRO B 217 3.42 29.01 0.78
C PRO B 217 4.41 29.95 0.12
N VAL B 218 3.92 30.68 -0.90
CA VAL B 218 4.76 31.66 -1.59
C VAL B 218 5.32 32.68 -0.62
N SER B 219 4.60 32.93 0.48
CA SER B 219 5.08 33.88 1.48
C SER B 219 6.42 33.45 2.06
N LYS B 220 6.45 32.25 2.65
CA LYS B 220 7.65 31.75 3.34
C LYS B 220 8.36 30.68 2.52
N ALA B 221 8.51 30.88 1.21
CA ALA B 221 9.14 29.90 0.33
C ALA B 221 10.65 30.04 0.30
N GLN B 222 11.17 31.27 0.24
CA GLN B 222 12.60 31.46 0.09
C GLN B 222 13.37 31.06 1.35
N GLU B 223 12.76 31.26 2.52
CA GLU B 223 13.45 30.98 3.78
C GLU B 223 13.83 29.51 3.91
N ILE B 224 13.25 28.63 3.10
CA ILE B 224 13.59 27.21 3.14
C ILE B 224 14.77 26.91 2.23
N VAL B 225 14.77 27.47 1.01
CA VAL B 225 15.87 27.23 0.08
C VAL B 225 17.18 27.74 0.67
N ASP B 226 17.13 28.87 1.38
CA ASP B 226 18.29 29.41 2.07
C ASP B 226 18.55 28.72 3.41
N SER B 227 17.78 27.68 3.73
CA SER B 227 18.07 26.82 4.87
C SER B 227 18.27 25.37 4.50
N ALA B 228 17.76 24.93 3.34
CA ALA B 228 18.08 23.60 2.84
C ALA B 228 19.52 23.55 2.33
N PHE B 229 19.97 24.63 1.68
CA PHE B 229 21.36 24.73 1.29
C PHE B 229 22.26 24.60 2.52
N ASP B 230 21.92 25.30 3.61
CA ASP B 230 22.65 25.15 4.85
C ASP B 230 22.59 23.71 5.36
N HIS B 231 21.41 23.09 5.28
CA HIS B 231 21.27 21.72 5.73
C HIS B 231 22.10 20.76 4.87
N GLU B 232 21.89 20.79 3.55
CA GLU B 232 22.54 19.85 2.65
C GLU B 232 24.06 19.91 2.78
N GLN B 233 24.62 21.12 2.86
CA GLN B 233 26.07 21.27 2.99
C GLN B 233 26.60 20.50 4.19
N TRP B 234 25.96 20.68 5.35
CA TRP B 234 26.44 20.07 6.57
C TRP B 234 25.82 18.70 6.81
N GLU B 235 24.99 18.22 5.88
CA GLU B 235 24.66 16.82 5.73
C GLU B 235 25.68 16.13 4.81
N GLU B 236 26.00 16.76 3.69
CA GLU B 236 27.00 16.22 2.76
C GLU B 236 28.33 16.04 3.46
N PHE B 237 28.78 17.06 4.19
CA PHE B 237 30.03 16.95 4.94
C PHE B 237 29.93 15.92 6.04
N SER B 238 28.79 15.87 6.74
CA SER B 238 28.56 14.82 7.73
C SER B 238 28.45 13.45 7.08
N ARG B 239 28.07 13.39 5.80
CA ARG B 239 27.99 12.12 5.10
C ARG B 239 29.37 11.63 4.66
N MET B 240 30.24 12.56 4.25
CA MET B 240 31.61 12.21 3.87
C MET B 240 32.36 11.57 5.03
N ARG B 241 32.18 12.10 6.24
CA ARG B 241 33.00 11.65 7.37
C ARG B 241 32.59 10.26 7.85
N ILE B 242 31.28 9.99 7.93
CA ILE B 242 30.83 8.70 8.44
C ILE B 242 31.37 7.56 7.58
N ASP B 243 31.57 7.80 6.28
CA ASP B 243 32.18 6.81 5.41
C ASP B 243 33.57 6.43 5.92
N GLN B 244 34.52 7.35 5.85
CA GLN B 244 35.85 7.12 6.40
C GLN B 244 35.94 7.59 7.85
N PRO C 31 -23.82 -24.97 -6.64
CA PRO C 31 -23.95 -25.88 -7.79
C PRO C 31 -24.44 -25.18 -9.06
N TRP C 32 -23.95 -23.96 -9.28
CA TRP C 32 -24.33 -23.18 -10.46
C TRP C 32 -23.72 -23.81 -11.71
N GLU C 33 -23.90 -23.13 -12.84
CA GLU C 33 -23.41 -23.63 -14.13
C GLU C 33 -22.71 -22.52 -14.90
N ARG C 34 -21.68 -22.91 -15.65
CA ARG C 34 -20.81 -21.96 -16.32
C ARG C 34 -21.60 -21.15 -17.36
N PRO C 35 -21.15 -19.92 -17.67
CA PRO C 35 -21.92 -19.06 -18.58
C PRO C 35 -21.44 -19.12 -20.02
N ASP C 36 -22.02 -18.28 -20.86
CA ASP C 36 -21.61 -18.16 -22.26
C ASP C 36 -20.16 -17.72 -22.33
N GLY C 37 -19.25 -18.66 -22.62
CA GLY C 37 -17.84 -18.36 -22.59
C GLY C 37 -17.42 -17.25 -23.53
N GLU C 38 -18.15 -17.07 -24.63
CA GLU C 38 -17.86 -15.99 -25.55
C GLU C 38 -18.41 -14.64 -25.10
N LEU C 39 -19.14 -14.60 -23.99
CA LEU C 39 -19.47 -13.34 -23.35
C LEU C 39 -18.38 -12.89 -22.39
N VAL C 40 -17.70 -13.84 -21.74
CA VAL C 40 -16.57 -13.51 -20.89
C VAL C 40 -15.46 -12.87 -21.73
N ARG C 41 -15.09 -13.52 -22.83
CA ARG C 41 -14.08 -12.95 -23.72
C ARG C 41 -14.51 -11.62 -24.31
N SER C 42 -15.83 -11.45 -24.55
CA SER C 42 -16.34 -10.16 -24.98
C SER C 42 -16.32 -9.13 -23.86
N LEU C 43 -16.24 -9.57 -22.61
CA LEU C 43 -16.24 -8.66 -21.47
C LEU C 43 -14.84 -8.24 -21.05
N ASN C 44 -13.84 -9.11 -21.25
CA ASN C 44 -12.47 -8.77 -20.89
C ASN C 44 -11.92 -7.60 -21.70
N ARG C 45 -12.62 -7.19 -22.77
CA ARG C 45 -12.31 -5.94 -23.47
C ARG C 45 -12.77 -4.71 -22.71
N VAL C 46 -13.58 -4.89 -21.66
CA VAL C 46 -14.15 -3.78 -20.91
C VAL C 46 -13.37 -3.62 -19.61
N SER C 47 -13.19 -2.38 -19.18
CA SER C 47 -12.57 -2.10 -17.90
C SER C 47 -13.55 -2.41 -16.76
N SER C 48 -13.05 -2.31 -15.52
CA SER C 48 -13.94 -2.38 -14.38
C SER C 48 -14.60 -1.04 -14.08
N ALA C 49 -14.01 0.06 -14.55
CA ALA C 49 -14.63 1.36 -14.35
C ALA C 49 -15.93 1.47 -15.13
N THR C 50 -15.87 1.20 -16.44
CA THR C 50 -17.06 1.28 -17.28
C THR C 50 -18.14 0.31 -16.81
N ALA C 51 -17.76 -0.95 -16.57
CA ALA C 51 -18.73 -1.94 -16.09
C ALA C 51 -19.40 -1.46 -14.81
N CYS C 52 -18.60 -1.00 -13.84
CA CYS C 52 -19.16 -0.43 -12.63
C CYS C 52 -20.04 0.78 -12.94
N ALA C 53 -19.68 1.55 -13.97
CA ALA C 53 -20.46 2.72 -14.33
C ALA C 53 -21.79 2.34 -14.96
N LYS C 54 -21.78 1.34 -15.86
CA LYS C 54 -23.03 0.89 -16.46
C LYS C 54 -23.94 0.26 -15.42
N LEU C 55 -23.39 -0.62 -14.58
CA LEU C 55 -24.17 -1.22 -13.51
C LEU C 55 -24.80 -0.16 -12.62
N HIS C 56 -24.06 0.92 -12.36
CA HIS C 56 -24.63 2.07 -11.66
C HIS C 56 -25.84 2.61 -12.41
N GLU C 57 -25.72 2.75 -13.74
CA GLU C 57 -26.80 3.29 -14.53
C GLU C 57 -27.97 2.32 -14.66
N LEU C 58 -27.75 1.02 -14.44
CA LEU C 58 -28.80 0.03 -14.52
C LEU C 58 -29.54 -0.15 -13.20
N GLY C 59 -29.22 0.64 -12.17
CA GLY C 59 -29.82 0.49 -10.87
C GLY C 59 -29.03 -0.35 -9.88
N ILE C 60 -27.72 -0.53 -10.11
CA ILE C 60 -26.89 -1.32 -9.21
C ILE C 60 -25.63 -0.54 -8.87
N ARG C 61 -25.68 0.22 -7.78
CA ARG C 61 -24.52 1.00 -7.38
C ARG C 61 -23.48 0.18 -6.62
N ARG C 62 -23.88 -0.94 -6.04
CA ARG C 62 -22.96 -1.82 -5.32
C ARG C 62 -22.32 -2.76 -6.33
N SER C 63 -21.17 -2.35 -6.85
CA SER C 63 -20.49 -3.16 -7.84
C SER C 63 -18.97 -3.09 -7.75
N TYR C 64 -18.40 -2.41 -6.77
CA TYR C 64 -16.95 -2.34 -6.60
C TYR C 64 -16.59 -2.91 -5.24
N LEU C 65 -15.83 -4.01 -5.25
CA LEU C 65 -15.35 -4.62 -4.00
C LEU C 65 -14.29 -3.71 -3.38
N SER C 66 -14.72 -2.90 -2.41
CA SER C 66 -13.79 -2.01 -1.73
C SER C 66 -12.88 -2.82 -0.82
N GLY C 67 -11.57 -2.68 -1.03
CA GLY C 67 -10.61 -3.39 -0.23
C GLY C 67 -9.52 -4.06 -1.05
N PRO C 68 -9.89 -5.10 -1.80
CA PRO C 68 -8.89 -5.86 -2.55
C PRO C 68 -8.12 -4.99 -3.54
N THR C 69 -6.79 -5.00 -3.39
CA THR C 69 -5.88 -4.34 -4.30
C THR C 69 -5.03 -5.37 -5.02
N ALA C 70 -4.47 -4.96 -6.15
CA ALA C 70 -3.65 -5.88 -6.94
C ALA C 70 -2.36 -6.23 -6.21
N LEU C 71 -1.95 -7.49 -6.34
CA LEU C 71 -0.66 -7.94 -5.80
C LEU C 71 0.51 -7.56 -6.68
N ASP C 72 0.27 -7.31 -7.96
CA ASP C 72 1.31 -6.87 -8.88
C ASP C 72 0.67 -6.20 -10.08
N LEU C 73 1.43 -5.30 -10.71
CA LEU C 73 0.86 -4.07 -11.25
C LEU C 73 0.03 -4.26 -12.51
N GLY C 74 0.37 -5.20 -13.39
CA GLY C 74 -0.31 -5.23 -14.67
C GLY C 74 -1.13 -6.47 -14.94
N ASN C 75 -2.47 -6.34 -15.01
CA ASN C 75 -3.27 -7.53 -15.17
C ASN C 75 -4.69 -7.17 -15.60
N LYS C 76 -5.42 -8.20 -16.04
CA LYS C 76 -6.85 -8.14 -16.29
C LYS C 76 -7.41 -9.56 -16.29
N VAL C 77 -8.49 -9.78 -15.55
CA VAL C 77 -9.07 -11.10 -15.39
C VAL C 77 -10.59 -11.00 -15.45
N THR C 78 -11.21 -11.88 -16.23
CA THR C 78 -12.66 -11.94 -16.33
C THR C 78 -13.09 -13.40 -16.24
N GLY C 79 -14.21 -13.65 -15.57
CA GLY C 79 -14.73 -14.98 -15.41
C GLY C 79 -15.70 -15.06 -14.25
N PRO C 80 -16.43 -16.16 -14.15
CA PRO C 80 -17.42 -16.31 -13.08
C PRO C 80 -16.74 -16.45 -11.72
N ALA C 81 -17.57 -16.42 -10.68
CA ALA C 81 -17.11 -16.35 -9.30
C ALA C 81 -17.39 -17.66 -8.59
N ARG C 82 -16.34 -18.41 -8.28
CA ARG C 82 -16.41 -19.52 -7.32
C ARG C 82 -16.17 -18.93 -5.94
N THR C 83 -17.23 -18.80 -5.15
CA THR C 83 -17.21 -17.97 -3.96
C THR C 83 -16.91 -18.81 -2.72
N LEU C 84 -15.98 -18.32 -1.90
CA LEU C 84 -15.64 -18.94 -0.62
C LEU C 84 -15.92 -17.94 0.50
N GLN C 85 -16.57 -18.42 1.55
CA GLN C 85 -16.96 -17.57 2.68
C GLN C 85 -16.30 -18.08 3.95
N PHE C 86 -15.43 -17.27 4.54
CA PHE C 86 -14.96 -17.51 5.89
C PHE C 86 -15.99 -17.01 6.89
N MET C 87 -15.85 -17.49 8.13
CA MET C 87 -16.69 -17.03 9.23
C MET C 87 -15.90 -17.15 10.52
N PRO C 88 -16.27 -16.40 11.56
CA PRO C 88 -15.54 -16.45 12.83
C PRO C 88 -15.41 -17.88 13.34
N GLN C 89 -14.22 -18.18 13.87
CA GLN C 89 -13.88 -19.53 14.30
C GLN C 89 -14.23 -19.69 15.78
N ARG C 90 -15.28 -20.45 16.06
CA ARG C 90 -15.56 -20.91 17.42
C ARG C 90 -14.94 -22.29 17.58
N GLU C 91 -14.07 -22.43 18.57
CA GLU C 91 -13.39 -23.70 18.79
C GLU C 91 -14.38 -24.76 19.25
N ASP C 92 -15.22 -25.22 18.32
CA ASP C 92 -16.38 -26.10 18.55
C ASP C 92 -16.41 -26.82 19.89
N THR C 106 -12.39 -28.43 6.99
CA THR C 106 -11.52 -28.50 5.82
C THR C 106 -12.27 -28.17 4.53
N ALA C 107 -13.36 -27.42 4.67
CA ALA C 107 -14.20 -27.01 3.54
C ALA C 107 -13.53 -25.99 2.63
N LEU C 108 -12.23 -25.73 2.79
CA LEU C 108 -11.49 -24.89 1.87
C LEU C 108 -10.86 -25.68 0.74
N TRP C 109 -10.35 -26.88 1.05
CA TRP C 109 -9.79 -27.75 0.02
C TRP C 109 -10.85 -28.17 -0.99
N ALA C 110 -12.09 -28.34 -0.53
CA ALA C 110 -13.18 -28.70 -1.43
C ALA C 110 -13.52 -27.59 -2.41
N VAL C 111 -13.21 -26.33 -2.07
CA VAL C 111 -13.45 -25.24 -3.01
C VAL C 111 -12.58 -25.39 -4.24
N LEU C 112 -11.29 -25.68 -4.04
CA LEU C 112 -10.36 -25.82 -5.15
C LEU C 112 -10.67 -27.04 -6.01
N GLU C 113 -11.34 -28.04 -5.46
CA GLU C 113 -11.68 -29.23 -6.24
C GLU C 113 -12.73 -28.91 -7.30
N GLU C 114 -13.57 -27.90 -7.05
CA GLU C 114 -14.65 -27.53 -7.96
C GLU C 114 -14.29 -26.37 -8.87
N VAL C 115 -13.03 -25.93 -8.87
CA VAL C 115 -12.61 -24.79 -9.68
C VAL C 115 -12.43 -25.25 -11.11
N GLN C 116 -13.35 -24.85 -11.98
CA GLN C 116 -13.26 -25.11 -13.41
C GLN C 116 -12.34 -24.08 -14.06
N PRO C 117 -11.89 -24.32 -15.29
CA PRO C 117 -11.00 -23.35 -15.94
C PRO C 117 -11.71 -22.04 -16.26
N GLY C 118 -10.91 -20.98 -16.38
CA GLY C 118 -11.38 -19.67 -16.79
C GLY C 118 -12.15 -18.89 -15.75
N ASP C 119 -12.45 -19.48 -14.59
CA ASP C 119 -13.27 -18.80 -13.60
C ASP C 119 -12.41 -18.07 -12.56
N VAL C 120 -13.06 -17.21 -11.78
CA VAL C 120 -12.40 -16.37 -10.80
C VAL C 120 -12.85 -16.78 -9.41
N LEU C 121 -11.93 -16.72 -8.45
CA LEU C 121 -12.21 -17.08 -7.07
C LEU C 121 -12.50 -15.83 -6.26
N VAL C 122 -13.54 -15.88 -5.42
CA VAL C 122 -13.93 -14.77 -4.57
C VAL C 122 -14.00 -15.27 -3.13
N VAL C 123 -13.28 -14.60 -2.23
CA VAL C 123 -13.18 -15.00 -0.84
C VAL C 123 -13.71 -13.88 0.04
N GLN C 124 -14.47 -14.25 1.07
CA GLN C 124 -15.00 -13.30 2.06
C GLN C 124 -14.29 -13.58 3.38
N ALA C 125 -13.13 -12.93 3.58
CA ALA C 125 -12.33 -13.11 4.78
C ALA C 125 -12.42 -11.93 5.74
N TYR C 126 -13.39 -11.05 5.54
CA TYR C 126 -13.61 -9.89 6.41
C TYR C 126 -12.36 -9.03 6.57
N GLY C 127 -11.42 -9.14 5.65
CA GLY C 127 -10.22 -8.31 5.65
C GLY C 127 -9.25 -8.64 6.77
N SER C 128 -9.45 -9.81 7.39
CA SER C 128 -8.65 -10.19 8.55
C SER C 128 -7.17 -10.26 8.19
N ALA C 129 -6.36 -9.59 9.01
CA ALA C 129 -4.91 -9.59 8.88
C ALA C 129 -4.26 -10.67 9.72
N PHE C 130 -5.03 -11.68 10.15
CA PHE C 130 -4.51 -12.79 10.93
C PHE C 130 -4.95 -14.13 10.37
N THR C 131 -5.62 -14.13 9.21
CA THR C 131 -6.01 -15.36 8.51
C THR C 131 -5.55 -15.23 7.06
N GLY C 132 -4.31 -15.64 6.80
CA GLY C 132 -3.86 -15.80 5.43
C GLY C 132 -4.59 -16.97 4.79
N CYS C 133 -5.52 -16.68 3.90
CA CYS C 133 -6.44 -17.69 3.40
C CYS C 133 -5.72 -18.76 2.58
N LEU C 134 -5.33 -18.43 1.35
CA LEU C 134 -4.71 -19.38 0.45
C LEU C 134 -3.20 -19.22 0.48
N GLY C 135 -2.49 -20.33 0.64
CA GLY C 135 -1.05 -20.33 0.64
C GLY C 135 -0.48 -20.61 -0.73
N ASP C 136 0.82 -20.93 -0.75
CA ASP C 136 1.47 -21.29 -2.01
C ASP C 136 0.79 -22.48 -2.66
N MET C 137 0.56 -23.54 -1.89
CA MET C 137 0.06 -24.80 -2.46
C MET C 137 -1.34 -24.63 -3.04
N LEU C 138 -2.27 -24.10 -2.26
CA LEU C 138 -3.66 -23.99 -2.71
C LEU C 138 -3.83 -23.02 -3.87
N VAL C 139 -2.78 -22.28 -4.23
CA VAL C 139 -2.80 -21.50 -5.46
C VAL C 139 -2.26 -22.32 -6.64
N ARG C 140 -1.30 -23.21 -6.40
CA ARG C 140 -0.88 -24.16 -7.43
C ARG C 140 -2.06 -24.96 -7.95
N TYR C 141 -2.86 -25.51 -7.02
CA TYR C 141 -4.07 -26.22 -7.40
C TYR C 141 -5.00 -25.32 -8.23
N PHE C 142 -5.04 -24.02 -7.91
CA PHE C 142 -5.92 -23.11 -8.63
C PHE C 142 -5.43 -22.88 -10.05
N LYS C 143 -4.12 -22.91 -10.28
CA LYS C 143 -3.60 -22.68 -11.62
C LYS C 143 -3.60 -23.97 -12.44
N ARG C 144 -3.33 -25.12 -11.80
CA ARG C 144 -3.40 -26.38 -12.51
C ARG C 144 -4.81 -26.65 -13.02
N LYS C 145 -5.81 -26.34 -12.19
CA LYS C 145 -7.20 -26.37 -12.64
C LYS C 145 -7.50 -25.30 -13.67
N GLY C 146 -6.57 -24.37 -13.91
CA GLY C 146 -6.77 -23.35 -14.92
C GLY C 146 -7.55 -22.14 -14.46
N GLY C 147 -7.49 -21.81 -13.17
CA GLY C 147 -8.25 -20.68 -12.67
C GLY C 147 -7.76 -19.36 -13.26
N ALA C 148 -8.71 -18.44 -13.44
CA ALA C 148 -8.41 -17.17 -14.09
C ALA C 148 -7.80 -16.17 -13.12
N GLY C 149 -8.37 -16.01 -11.93
CA GLY C 149 -7.88 -15.02 -10.99
C GLY C 149 -8.48 -15.24 -9.62
N ILE C 150 -7.91 -14.53 -8.64
CA ILE C 150 -8.31 -14.64 -7.25
C ILE C 150 -8.58 -13.24 -6.71
N VAL C 151 -9.68 -13.09 -5.98
CA VAL C 151 -10.02 -11.84 -5.31
C VAL C 151 -10.34 -12.16 -3.86
N VAL C 152 -9.59 -11.57 -2.94
CA VAL C 152 -9.66 -11.92 -1.53
C VAL C 152 -10.04 -10.68 -0.73
N ASP C 153 -11.18 -10.75 -0.03
CA ASP C 153 -11.49 -9.76 0.98
C ASP C 153 -10.71 -10.10 2.25
N GLY C 154 -9.40 -10.25 2.10
CA GLY C 154 -8.53 -10.67 3.19
C GLY C 154 -7.12 -10.79 2.68
N ARG C 155 -6.21 -11.13 3.58
CA ARG C 155 -4.80 -11.18 3.26
C ARG C 155 -4.49 -12.48 2.51
N ILE C 156 -3.20 -12.80 2.36
CA ILE C 156 -2.77 -13.98 1.61
C ILE C 156 -1.55 -14.58 2.30
N ARG C 157 -1.30 -15.85 2.00
CA ARG C 157 -0.27 -16.65 2.66
C ARG C 157 0.82 -17.00 1.66
N ASP C 158 2.07 -16.95 2.14
CA ASP C 158 3.25 -17.29 1.33
C ASP C 158 3.41 -16.33 0.16
N ALA C 159 3.65 -15.06 0.49
CA ALA C 159 3.75 -14.02 -0.53
C ALA C 159 4.91 -14.22 -1.50
N PRO C 160 6.16 -14.44 -1.05
CA PRO C 160 7.27 -14.53 -2.02
C PRO C 160 7.06 -15.57 -3.10
N ARG C 161 6.39 -16.68 -2.79
CA ARG C 161 6.15 -17.72 -3.77
C ARG C 161 5.03 -17.34 -4.71
N VAL C 162 3.90 -16.88 -4.16
CA VAL C 162 2.70 -16.67 -4.97
C VAL C 162 2.86 -15.47 -5.91
N ARG C 163 3.85 -14.60 -5.66
CA ARG C 163 4.14 -13.51 -6.59
C ARG C 163 4.92 -13.98 -7.80
N GLU C 164 5.55 -15.16 -7.74
CA GLU C 164 6.27 -15.73 -8.87
C GLU C 164 5.44 -16.76 -9.62
N LEU C 165 4.24 -17.07 -9.15
CA LEU C 165 3.29 -17.84 -9.93
C LEU C 165 2.56 -16.92 -10.90
N GLY C 166 2.01 -17.52 -11.96
CA GLY C 166 1.40 -16.74 -13.01
C GLY C 166 0.03 -16.18 -12.71
N VAL C 167 -0.57 -16.58 -11.59
CA VAL C 167 -1.95 -16.21 -11.28
C VAL C 167 -2.02 -14.75 -10.84
N PRO C 168 -3.06 -14.02 -11.22
CA PRO C 168 -3.26 -12.67 -10.69
C PRO C 168 -4.22 -12.67 -9.50
N ILE C 169 -3.84 -11.99 -8.42
CA ILE C 169 -4.61 -12.01 -7.19
C ILE C 169 -4.89 -10.58 -6.76
N TRP C 170 -6.09 -10.35 -6.23
CA TRP C 170 -6.46 -9.09 -5.60
C TRP C 170 -6.81 -9.38 -4.14
N CYS C 171 -6.12 -8.73 -3.21
CA CYS C 171 -6.33 -8.99 -1.79
C CYS C 171 -5.97 -7.75 -1.00
N THR C 172 -6.06 -7.87 0.33
CA THR C 172 -5.87 -6.73 1.22
C THR C 172 -4.53 -6.75 1.96
N GLY C 173 -3.66 -7.70 1.65
CA GLY C 173 -2.36 -7.74 2.30
C GLY C 173 -1.74 -9.12 2.19
N THR C 174 -0.81 -9.37 3.11
CA THR C 174 -0.04 -10.61 3.13
C THR C 174 0.31 -10.94 4.57
N THR C 175 0.25 -12.23 4.91
CA THR C 175 0.39 -12.65 6.30
C THR C 175 1.21 -13.93 6.41
N PRO C 176 1.94 -14.09 7.50
CA PRO C 176 2.50 -15.40 7.86
C PRO C 176 1.48 -16.33 8.50
N HIS C 177 0.34 -15.83 8.93
CA HIS C 177 -0.72 -16.69 9.44
C HIS C 177 -1.30 -17.55 8.33
N TYR C 178 -1.92 -18.67 8.73
CA TYR C 178 -2.63 -19.53 7.79
C TYR C 178 -4.14 -19.38 7.97
N ALA C 179 -4.89 -20.16 7.18
CA ALA C 179 -6.30 -19.87 6.93
C ALA C 179 -7.19 -20.05 8.15
N SER C 180 -6.79 -20.87 9.12
CA SER C 180 -7.62 -21.15 10.29
C SER C 180 -6.85 -20.93 11.59
N GLN C 181 -5.73 -20.22 11.54
CA GLN C 181 -4.88 -20.07 12.72
C GLN C 181 -5.55 -19.23 13.78
N SER C 182 -6.17 -18.10 13.41
CA SER C 182 -6.59 -17.12 14.39
C SER C 182 -8.09 -17.10 14.64
N GLU C 183 -8.79 -16.09 14.12
CA GLU C 183 -10.19 -15.86 14.48
C GLU C 183 -11.18 -16.24 13.38
N LEU C 184 -10.71 -16.59 12.19
CA LEU C 184 -11.60 -17.07 11.14
C LEU C 184 -11.25 -18.52 10.79
N PHE C 185 -12.14 -19.16 10.04
CA PHE C 185 -11.87 -20.48 9.47
C PHE C 185 -12.84 -20.71 8.32
N PRO C 186 -12.44 -21.49 7.31
CA PRO C 186 -13.32 -21.69 6.16
C PRO C 186 -14.66 -22.28 6.55
N TRP C 187 -15.74 -21.72 5.98
CA TRP C 187 -17.09 -22.09 6.36
C TRP C 187 -17.72 -22.83 5.20
N ALA C 188 -18.44 -22.16 4.31
CA ALA C 188 -19.10 -22.79 3.19
C ALA C 188 -18.69 -22.10 1.89
N TYR C 189 -18.72 -22.86 0.80
CA TYR C 189 -18.32 -22.37 -0.50
C TYR C 189 -19.52 -22.33 -1.44
N ASP C 190 -19.41 -21.49 -2.47
CA ASP C 190 -20.43 -21.34 -3.51
C ASP C 190 -21.77 -20.94 -2.89
N VAL C 191 -21.72 -20.00 -1.95
CA VAL C 191 -22.91 -19.40 -1.35
C VAL C 191 -22.84 -17.91 -1.67
N PRO C 192 -23.91 -17.13 -1.49
CA PRO C 192 -23.81 -15.68 -1.71
C PRO C 192 -22.76 -15.06 -0.79
N VAL C 193 -21.81 -14.37 -1.38
CA VAL C 193 -20.66 -13.82 -0.68
C VAL C 193 -20.73 -12.30 -0.69
N ALA C 194 -20.41 -11.68 0.45
CA ALA C 194 -20.47 -10.23 0.62
C ALA C 194 -19.09 -9.59 0.58
N ALA C 195 -18.15 -10.20 -0.14
CA ALA C 195 -16.79 -9.68 -0.18
C ALA C 195 -16.77 -8.25 -0.72
N GLY C 196 -15.84 -7.45 -0.20
CA GLY C 196 -15.93 -6.03 -0.42
C GLY C 196 -17.18 -5.48 0.24
N GLY C 197 -17.87 -4.59 -0.46
CA GLY C 197 -19.17 -4.13 0.00
C GLY C 197 -20.27 -4.58 -0.93
N VAL C 198 -20.00 -5.63 -1.72
CA VAL C 198 -20.82 -5.99 -2.85
C VAL C 198 -21.48 -7.35 -2.61
N LEU C 199 -22.74 -7.46 -3.04
CA LEU C 199 -23.46 -8.74 -3.04
C LEU C 199 -22.98 -9.56 -4.22
N THR C 200 -22.25 -10.64 -3.95
CA THR C 200 -21.68 -11.50 -4.98
C THR C 200 -22.26 -12.89 -4.82
N LEU C 201 -23.08 -13.30 -5.80
CA LEU C 201 -23.65 -14.65 -5.81
C LEU C 201 -22.94 -15.51 -6.84
N PRO C 202 -22.67 -16.78 -6.52
CA PRO C 202 -21.78 -17.60 -7.36
C PRO C 202 -22.28 -17.72 -8.79
N GLY C 203 -21.42 -17.32 -9.73
CA GLY C 203 -21.76 -17.41 -11.13
C GLY C 203 -21.51 -16.14 -11.92
N ASP C 204 -21.87 -15.00 -11.34
CA ASP C 204 -21.73 -13.74 -12.05
C ASP C 204 -20.26 -13.40 -12.28
N LEU C 205 -20.01 -12.59 -13.31
CA LEU C 205 -18.67 -12.37 -13.79
C LEU C 205 -17.98 -11.28 -12.97
N VAL C 206 -16.65 -11.33 -12.98
CA VAL C 206 -15.81 -10.45 -12.16
C VAL C 206 -14.72 -9.88 -13.07
N VAL C 207 -15.00 -8.74 -13.69
CA VAL C 207 -13.95 -7.97 -14.34
C VAL C 207 -13.08 -7.31 -13.27
N ALA C 208 -11.75 -7.34 -13.47
CA ALA C 208 -10.83 -6.87 -12.43
C ALA C 208 -9.54 -6.41 -13.11
N ASP C 209 -9.41 -5.10 -13.32
CA ASP C 209 -8.14 -4.53 -13.77
C ASP C 209 -7.39 -3.99 -12.56
N ASP C 210 -6.61 -2.93 -12.75
CA ASP C 210 -5.86 -2.34 -11.65
C ASP C 210 -6.68 -1.35 -10.84
N ASP C 211 -7.85 -0.92 -11.34
CA ASP C 211 -8.75 -0.10 -10.54
C ASP C 211 -9.35 -0.91 -9.40
N GLY C 212 -9.78 -2.13 -9.69
CA GLY C 212 -10.40 -2.97 -8.69
C GLY C 212 -11.22 -4.05 -9.35
N ALA C 213 -12.05 -4.70 -8.54
CA ALA C 213 -12.92 -5.77 -8.99
C ALA C 213 -14.35 -5.26 -9.09
N VAL C 214 -15.08 -5.76 -10.09
CA VAL C 214 -16.47 -5.37 -10.33
C VAL C 214 -17.28 -6.62 -10.66
N VAL C 215 -18.33 -6.87 -9.90
CA VAL C 215 -19.23 -8.00 -10.13
C VAL C 215 -20.29 -7.58 -11.13
N VAL C 216 -20.21 -8.10 -12.35
CA VAL C 216 -21.21 -7.88 -13.38
C VAL C 216 -22.11 -9.10 -13.43
N PRO C 217 -23.39 -8.97 -13.12
CA PRO C 217 -24.29 -10.13 -13.18
C PRO C 217 -24.50 -10.60 -14.62
N VAL C 218 -24.82 -11.88 -14.76
CA VAL C 218 -24.97 -12.47 -16.09
C VAL C 218 -26.17 -11.86 -16.83
N SER C 219 -27.27 -11.62 -16.11
CA SER C 219 -28.46 -11.06 -16.74
C SER C 219 -28.20 -9.67 -17.30
N LYS C 220 -27.20 -8.96 -16.79
CA LYS C 220 -26.83 -7.65 -17.30
C LYS C 220 -25.48 -7.66 -18.00
N ALA C 221 -24.90 -8.84 -18.22
CA ALA C 221 -23.57 -8.93 -18.81
C ALA C 221 -23.55 -8.43 -20.25
N GLN C 222 -24.60 -8.76 -21.02
CA GLN C 222 -24.64 -8.32 -22.41
C GLN C 222 -24.88 -6.82 -22.52
N GLU C 223 -25.68 -6.26 -21.60
CA GLU C 223 -26.01 -4.84 -21.67
C GLU C 223 -24.78 -3.96 -21.51
N ILE C 224 -23.72 -4.46 -20.89
CA ILE C 224 -22.47 -3.71 -20.81
C ILE C 224 -21.72 -3.77 -22.13
N VAL C 225 -21.61 -4.98 -22.71
CA VAL C 225 -20.84 -5.16 -23.93
C VAL C 225 -21.44 -4.35 -25.07
N ASP C 226 -22.77 -4.22 -25.13
CA ASP C 226 -23.38 -3.35 -26.13
C ASP C 226 -23.08 -1.88 -25.84
N SER C 227 -23.29 -1.46 -24.59
CA SER C 227 -23.07 -0.06 -24.23
C SER C 227 -21.59 0.31 -24.33
N ALA C 228 -20.71 -0.53 -23.78
CA ALA C 228 -19.30 -0.18 -23.71
C ALA C 228 -18.63 -0.23 -25.08
N PHE C 229 -19.05 -1.16 -25.94
CA PHE C 229 -18.46 -1.29 -27.27
C PHE C 229 -18.54 0.02 -28.03
N ASP C 230 -19.76 0.55 -28.19
CA ASP C 230 -19.92 1.83 -28.87
C ASP C 230 -19.37 2.97 -28.05
N HIS C 231 -19.54 2.91 -26.71
CA HIS C 231 -18.96 3.93 -25.85
C HIS C 231 -17.45 4.00 -26.01
N GLU C 232 -16.81 2.89 -26.36
CA GLU C 232 -15.39 2.92 -26.67
C GLU C 232 -15.14 3.76 -27.92
N GLN C 233 -15.98 3.59 -28.95
CA GLN C 233 -15.89 4.45 -30.13
C GLN C 233 -16.17 5.91 -29.77
N TRP C 234 -17.01 6.16 -28.77
CA TRP C 234 -17.19 7.52 -28.26
C TRP C 234 -15.89 8.06 -27.69
N GLU C 235 -15.31 7.34 -26.74
CA GLU C 235 -14.14 7.84 -26.01
C GLU C 235 -12.90 7.82 -26.89
N GLU C 236 -12.65 6.70 -27.58
CA GLU C 236 -11.47 6.59 -28.43
C GLU C 236 -11.45 7.64 -29.53
N PHE C 237 -12.60 8.23 -29.86
CA PHE C 237 -12.68 9.31 -30.83
C PHE C 237 -12.17 10.62 -30.26
N SER C 238 -12.87 11.13 -29.24
CA SER C 238 -12.59 12.46 -28.70
C SER C 238 -11.23 12.55 -28.02
N ARG C 239 -10.50 11.44 -27.97
CA ARG C 239 -9.14 11.45 -27.43
C ARG C 239 -8.18 12.27 -28.29
N MET C 240 -8.60 12.69 -29.48
CA MET C 240 -7.74 13.38 -30.44
C MET C 240 -7.94 14.89 -30.43
N ARG C 241 -9.18 15.35 -30.34
CA ARG C 241 -9.49 16.77 -30.43
C ARG C 241 -9.14 17.50 -29.14
#